data_7E90
#
_entry.id   7E90
#
_cell.length_a   74.128
_cell.length_b   74.128
_cell.length_c   108.438
_cell.angle_alpha   90.000
_cell.angle_beta   90.000
_cell.angle_gamma   90.000
#
_symmetry.space_group_name_H-M   'P 43 21 2'
#
loop_
_entity.id
_entity.type
_entity.pdbx_description
1 polymer 'DNA-binding response regulator'
2 water water
#
_entity_poly.entity_id   1
_entity_poly.type   'polypeptide(L)'
_entity_poly.pdbx_seq_one_letter_code
;GSAKDPMKQTLLLVEDDKNLADGLLVSLEQAGYECLHVERIADVEPQWKKADLVILERQLPDGDSVQHLPEWKKIKDVPV
ILLTALVTVKDKVAGLDSGANDYLTKPFAEAELFARIRAQLRAPDS
;
_entity_poly.pdbx_strand_id   A,B
#
# COMPACT_ATOMS: atom_id res chain seq x y z
N MET A 7 -15.45 0.06 -20.22
CA MET A 7 -16.28 0.17 -19.04
C MET A 7 -15.87 -0.82 -17.94
N LYS A 8 -14.71 -1.44 -18.09
CA LYS A 8 -14.09 -2.19 -17.01
C LYS A 8 -12.70 -1.64 -16.73
N GLN A 9 -12.28 -1.70 -15.47
CA GLN A 9 -10.93 -1.27 -15.12
C GLN A 9 -9.95 -2.31 -15.61
N THR A 10 -8.91 -1.89 -16.32
CA THR A 10 -7.98 -2.81 -16.97
C THR A 10 -6.76 -2.99 -16.08
N LEU A 11 -6.51 -4.24 -15.69
CA LEU A 11 -5.35 -4.58 -14.88
C LEU A 11 -4.32 -5.24 -15.79
N LEU A 12 -3.06 -4.82 -15.65
CA LEU A 12 -1.97 -5.45 -16.37
C LEU A 12 -1.25 -6.37 -15.40
N LEU A 13 -1.25 -7.66 -15.66
CA LEU A 13 -0.55 -8.64 -14.86
C LEU A 13 0.75 -9.00 -15.58
N VAL A 14 1.87 -8.84 -14.89
CA VAL A 14 3.19 -9.18 -15.42
C VAL A 14 3.72 -10.31 -14.55
N GLU A 15 3.62 -11.54 -15.06
CA GLU A 15 3.90 -12.73 -14.27
C GLU A 15 4.37 -13.85 -15.19
N ASP A 16 5.53 -14.43 -14.89
CA ASP A 16 6.05 -15.55 -15.68
C ASP A 16 5.76 -16.91 -15.07
N ASP A 17 5.23 -16.95 -13.84
CA ASP A 17 4.74 -18.20 -13.26
C ASP A 17 3.36 -18.45 -13.85
N LYS A 18 3.31 -19.36 -14.83
CA LYS A 18 2.09 -19.60 -15.60
C LYS A 18 0.95 -20.16 -14.74
N ASN A 19 1.26 -21.12 -13.86
CA ASN A 19 0.20 -21.66 -13.01
C ASN A 19 -0.42 -20.58 -12.14
N LEU A 20 0.41 -19.69 -11.56
CA LEU A 20 -0.15 -18.66 -10.70
C LEU A 20 -1.02 -17.69 -11.50
N ALA A 21 -0.49 -17.14 -12.59
CA ALA A 21 -1.27 -16.20 -13.42
C ALA A 21 -2.56 -16.84 -13.91
N ASP A 22 -2.51 -18.09 -14.36
CA ASP A 22 -3.71 -18.81 -14.79
C ASP A 22 -4.81 -18.73 -13.73
N GLY A 23 -4.50 -19.14 -12.50
CA GLY A 23 -5.49 -19.08 -11.44
C GLY A 23 -5.90 -17.67 -11.08
N LEU A 24 -4.91 -16.77 -10.95
CA LEU A 24 -5.22 -15.40 -10.55
C LEU A 24 -6.09 -14.71 -11.60
N LEU A 25 -5.76 -14.87 -12.88
CA LEU A 25 -6.53 -14.19 -13.92
C LEU A 25 -7.99 -14.62 -13.94
N VAL A 26 -8.28 -15.88 -13.61
CA VAL A 26 -9.67 -16.33 -13.57
C VAL A 26 -10.43 -15.59 -12.49
N SER A 27 -9.84 -15.47 -11.29
CA SER A 27 -10.49 -14.77 -10.19
C SER A 27 -10.68 -13.29 -10.51
N LEU A 28 -9.66 -12.66 -11.09
CA LEU A 28 -9.76 -11.23 -11.42
C LEU A 28 -10.80 -11.00 -12.50
N GLU A 29 -10.88 -11.89 -13.49
CA GLU A 29 -11.88 -11.75 -14.55
C GLU A 29 -13.29 -12.00 -14.03
N GLN A 30 -13.44 -12.98 -13.14
CA GLN A 30 -14.72 -13.27 -12.51
C GLN A 30 -15.17 -12.11 -11.63
N ALA A 31 -14.23 -11.33 -11.11
CA ALA A 31 -14.57 -10.16 -10.31
C ALA A 31 -14.98 -8.96 -11.15
N GLY A 32 -14.84 -9.04 -12.47
CA GLY A 32 -15.25 -7.98 -13.36
C GLY A 32 -14.15 -7.11 -13.91
N TYR A 33 -12.90 -7.53 -13.75
CA TYR A 33 -11.76 -6.77 -14.26
C TYR A 33 -11.40 -7.26 -15.65
N GLU A 34 -10.92 -6.33 -16.46
CA GLU A 34 -10.29 -6.67 -17.73
C GLU A 34 -8.81 -6.87 -17.44
N CYS A 35 -8.24 -7.93 -17.98
CA CYS A 35 -6.87 -8.30 -17.64
C CYS A 35 -6.03 -8.42 -18.89
N LEU A 36 -4.80 -7.93 -18.80
CA LEU A 36 -3.77 -8.14 -19.80
C LEU A 36 -2.65 -8.91 -19.13
N HIS A 37 -2.15 -9.96 -19.80
CA HIS A 37 -1.10 -10.79 -19.21
C HIS A 37 0.16 -10.72 -20.05
N VAL A 38 1.27 -10.40 -19.41
CA VAL A 38 2.58 -10.34 -20.04
C VAL A 38 3.54 -11.13 -19.16
N GLU A 39 4.50 -11.80 -19.80
CA GLU A 39 5.42 -12.69 -19.08
C GLU A 39 6.87 -12.23 -19.14
N ARG A 40 7.16 -11.04 -19.67
CA ARG A 40 8.55 -10.60 -19.77
C ARG A 40 8.60 -9.08 -19.68
N ILE A 41 9.77 -8.57 -19.27
CA ILE A 41 9.96 -7.13 -19.20
C ILE A 41 9.92 -6.51 -20.59
N ALA A 42 10.41 -7.23 -21.61
CA ALA A 42 10.43 -6.71 -22.97
C ALA A 42 9.02 -6.41 -23.49
N ASP A 43 8.00 -7.06 -22.93
CA ASP A 43 6.63 -6.93 -23.41
C ASP A 43 5.76 -6.02 -22.54
N VAL A 44 6.34 -5.25 -21.63
CA VAL A 44 5.50 -4.45 -20.72
C VAL A 44 5.10 -3.14 -21.38
N GLU A 45 6.07 -2.42 -21.95
CA GLU A 45 5.81 -1.10 -22.53
C GLU A 45 4.62 -1.06 -23.48
N PRO A 46 4.48 -1.95 -24.46
CA PRO A 46 3.32 -1.84 -25.37
C PRO A 46 1.98 -1.89 -24.67
N GLN A 47 1.87 -2.60 -23.55
CA GLN A 47 0.61 -2.72 -22.84
C GLN A 47 0.44 -1.69 -21.73
N TRP A 48 1.53 -1.01 -21.34
CA TRP A 48 1.51 -0.13 -20.15
C TRP A 48 0.37 0.89 -20.20
N LYS A 49 0.22 1.57 -21.33
CA LYS A 49 -0.75 2.67 -21.41
C LYS A 49 -2.19 2.20 -21.30
N LYS A 50 -2.46 0.93 -21.55
CA LYS A 50 -3.83 0.40 -21.50
C LYS A 50 -4.29 0.07 -20.09
N ALA A 51 -3.37 -0.03 -19.13
CA ALA A 51 -3.69 -0.52 -17.80
C ALA A 51 -4.19 0.60 -16.89
N ASP A 52 -5.13 0.26 -16.03
CA ASP A 52 -5.53 1.14 -14.93
C ASP A 52 -4.74 0.84 -13.67
N LEU A 53 -4.12 -0.33 -13.59
CA LEU A 53 -3.31 -0.75 -12.48
C LEU A 53 -2.44 -1.90 -12.97
N VAL A 54 -1.20 -1.96 -12.48
CA VAL A 54 -0.24 -2.97 -12.91
C VAL A 54 0.08 -3.86 -11.71
N ILE A 55 -0.11 -5.16 -11.90
CA ILE A 55 0.33 -6.15 -10.94
C ILE A 55 1.64 -6.71 -11.47
N LEU A 56 2.74 -6.39 -10.79
CA LEU A 56 4.07 -6.53 -11.37
C LEU A 56 4.94 -7.41 -10.49
N GLU A 57 5.31 -8.57 -11.02
CA GLU A 57 6.31 -9.42 -10.39
C GLU A 57 7.69 -8.85 -10.69
N ARG A 58 8.63 -9.09 -9.79
CA ARG A 58 9.99 -8.59 -9.97
C ARG A 58 10.87 -9.61 -10.67
N GLN A 59 10.80 -10.87 -10.24
CA GLN A 59 11.66 -11.94 -10.77
C GLN A 59 11.10 -12.40 -12.10
N LEU A 60 11.59 -11.81 -13.17
CA LEU A 60 11.18 -12.11 -14.52
C LEU A 60 12.33 -12.72 -15.31
N PRO A 61 12.05 -13.43 -16.41
CA PRO A 61 13.13 -14.10 -17.16
C PRO A 61 14.18 -13.17 -17.75
N ASP A 62 13.83 -11.91 -18.05
CA ASP A 62 14.79 -10.97 -18.63
C ASP A 62 15.19 -9.85 -17.66
N GLY A 63 15.20 -10.12 -16.34
CA GLY A 63 15.77 -9.19 -15.39
C GLY A 63 14.80 -8.83 -14.27
N ASP A 64 15.12 -7.71 -13.62
CA ASP A 64 14.40 -7.20 -12.46
C ASP A 64 13.59 -5.98 -12.88
N SER A 65 12.26 -6.09 -12.79
CA SER A 65 11.40 -5.03 -13.30
C SER A 65 11.46 -3.74 -12.49
N VAL A 66 11.90 -3.81 -11.23
CA VAL A 66 12.04 -2.60 -10.42
C VAL A 66 13.00 -1.61 -11.06
N GLN A 67 14.01 -2.11 -11.76
CA GLN A 67 14.98 -1.24 -12.42
C GLN A 67 14.35 -0.46 -13.57
N HIS A 68 13.29 -1.00 -14.18
CA HIS A 68 12.62 -0.35 -15.31
C HIS A 68 11.38 0.43 -14.87
N LEU A 69 10.95 0.27 -13.64
CA LEU A 69 9.71 0.89 -13.18
C LEU A 69 9.73 2.42 -13.22
N PRO A 70 10.83 3.11 -12.87
CA PRO A 70 10.80 4.58 -12.99
C PRO A 70 10.50 5.07 -14.41
N GLU A 71 11.11 4.44 -15.42
CA GLU A 71 10.84 4.86 -16.79
C GLU A 71 9.42 4.51 -17.23
N TRP A 72 8.88 3.38 -16.75
CA TRP A 72 7.47 3.09 -17.01
C TRP A 72 6.56 4.13 -16.36
N LYS A 73 6.90 4.56 -15.14
CA LYS A 73 6.11 5.60 -14.48
C LYS A 73 6.08 6.89 -15.29
N LYS A 74 7.17 7.19 -16.01
CA LYS A 74 7.19 8.37 -16.87
C LYS A 74 6.23 8.22 -18.05
N ILE A 75 6.01 6.99 -18.53
CA ILE A 75 5.05 6.78 -19.60
C ILE A 75 3.63 7.12 -19.14
N LYS A 76 3.23 6.56 -17.99
CA LYS A 76 1.92 6.84 -17.42
C LYS A 76 1.96 6.53 -15.92
N ASP A 77 1.35 7.40 -15.12
CA ASP A 77 1.38 7.24 -13.67
C ASP A 77 0.14 6.47 -13.19
N VAL A 78 0.19 5.16 -13.39
CA VAL A 78 -0.88 4.27 -12.92
C VAL A 78 -0.41 3.62 -11.61
N PRO A 79 -1.34 3.23 -10.74
CA PRO A 79 -0.96 2.46 -9.55
C PRO A 79 -0.28 1.15 -9.92
N VAL A 80 0.80 0.84 -9.19
CA VAL A 80 1.59 -0.37 -9.40
C VAL A 80 1.72 -1.09 -8.07
N ILE A 81 1.31 -2.36 -8.04
CA ILE A 81 1.48 -3.23 -6.88
C ILE A 81 2.53 -4.28 -7.24
N LEU A 82 3.65 -4.25 -6.54
CA LEU A 82 4.65 -5.31 -6.74
C LEU A 82 4.18 -6.57 -6.04
N LEU A 83 4.32 -7.70 -6.73
CA LEU A 83 3.89 -9.01 -6.25
C LEU A 83 5.05 -9.97 -6.51
N THR A 84 5.78 -10.31 -5.45
CA THR A 84 7.02 -11.07 -5.64
C THR A 84 7.35 -11.86 -4.39
N ALA A 85 8.27 -12.81 -4.56
CA ALA A 85 8.82 -13.59 -3.47
C ALA A 85 10.11 -13.02 -2.94
N LEU A 86 10.55 -11.88 -3.47
CA LEU A 86 11.63 -11.09 -2.87
C LEU A 86 11.00 -10.34 -1.69
N VAL A 87 11.13 -10.90 -0.50
CA VAL A 87 10.28 -10.53 0.61
C VAL A 87 11.00 -9.75 1.71
N THR A 88 12.28 -9.44 1.56
CA THR A 88 12.94 -8.77 2.68
C THR A 88 12.58 -7.29 2.71
N VAL A 89 12.82 -6.66 3.86
CA VAL A 89 12.55 -5.23 3.98
C VAL A 89 13.41 -4.43 3.01
N LYS A 90 14.64 -4.89 2.76
CA LYS A 90 15.48 -4.22 1.77
C LYS A 90 14.84 -4.28 0.38
N ASP A 91 14.28 -5.43 0.01
CA ASP A 91 13.60 -5.55 -1.28
C ASP A 91 12.39 -4.61 -1.34
N LYS A 92 11.63 -4.54 -0.24
CA LYS A 92 10.43 -3.69 -0.19
C LYS A 92 10.79 -2.21 -0.31
N VAL A 93 11.81 -1.77 0.43
CA VAL A 93 12.25 -0.39 0.31
C VAL A 93 12.70 -0.08 -1.11
N ALA A 94 13.45 -1.01 -1.71
CA ALA A 94 13.91 -0.83 -3.08
C ALA A 94 12.72 -0.74 -4.05
N GLY A 95 11.77 -1.66 -3.92
CA GLY A 95 10.63 -1.67 -4.82
C GLY A 95 9.77 -0.42 -4.71
N LEU A 96 9.49 0.01 -3.48
CA LEU A 96 8.63 1.16 -3.27
C LEU A 96 9.32 2.46 -3.68
N ASP A 97 10.60 2.60 -3.38
CA ASP A 97 11.31 3.83 -3.73
C ASP A 97 11.54 3.95 -5.22
N SER A 98 11.43 2.86 -5.96
CA SER A 98 11.54 2.91 -7.41
C SER A 98 10.23 3.31 -8.08
N GLY A 99 9.18 3.55 -7.30
CA GLY A 99 7.93 4.03 -7.86
C GLY A 99 6.71 3.21 -7.52
N ALA A 100 6.88 2.04 -6.93
CA ALA A 100 5.74 1.19 -6.63
C ALA A 100 4.87 1.80 -5.55
N ASN A 101 3.56 1.61 -5.70
CA ASN A 101 2.58 2.12 -4.73
C ASN A 101 2.32 1.15 -3.61
N ASP A 102 2.51 -0.15 -3.85
CA ASP A 102 2.31 -1.15 -2.81
C ASP A 102 3.20 -2.34 -3.14
N TYR A 103 3.40 -3.19 -2.13
CA TYR A 103 4.33 -4.31 -2.24
C TYR A 103 3.71 -5.47 -1.47
N LEU A 104 3.20 -6.47 -2.19
CA LEU A 104 2.60 -7.64 -1.57
C LEU A 104 3.53 -8.83 -1.76
N THR A 105 3.82 -9.54 -0.67
CA THR A 105 4.77 -10.63 -0.73
C THR A 105 4.09 -11.93 -1.15
N LYS A 106 4.85 -12.78 -1.85
CA LYS A 106 4.44 -14.14 -2.14
C LYS A 106 4.99 -15.08 -1.05
N PRO A 107 4.22 -16.06 -0.56
CA PRO A 107 2.84 -16.32 -0.99
C PRO A 107 1.87 -15.32 -0.39
N PHE A 108 0.79 -15.08 -1.11
CA PHE A 108 -0.19 -14.08 -0.73
C PHE A 108 -1.57 -14.70 -0.73
N ALA A 109 -2.52 -13.98 -0.16
CA ALA A 109 -3.93 -14.34 -0.21
C ALA A 109 -4.59 -13.52 -1.30
N GLU A 110 -5.33 -14.18 -2.18
CA GLU A 110 -6.03 -13.45 -3.24
C GLU A 110 -6.95 -12.39 -2.65
N ALA A 111 -7.57 -12.67 -1.50
CA ALA A 111 -8.43 -11.69 -0.83
C ALA A 111 -7.65 -10.41 -0.50
N GLU A 112 -6.41 -10.54 -0.02
CA GLU A 112 -5.63 -9.34 0.23
C GLU A 112 -5.29 -8.62 -1.06
N LEU A 113 -4.90 -9.36 -2.11
CA LEU A 113 -4.58 -8.71 -3.37
C LEU A 113 -5.79 -7.95 -3.90
N PHE A 114 -6.98 -8.53 -3.77
CA PHE A 114 -8.20 -7.84 -4.22
C PHE A 114 -8.42 -6.55 -3.42
N ALA A 115 -8.27 -6.61 -2.10
CA ALA A 115 -8.48 -5.42 -1.29
C ALA A 115 -7.45 -4.33 -1.62
N ARG A 116 -6.20 -4.72 -1.83
CA ARG A 116 -5.18 -3.72 -2.15
C ARG A 116 -5.38 -3.13 -3.55
N ILE A 117 -5.95 -3.92 -4.47
CA ILE A 117 -6.31 -3.37 -5.77
C ILE A 117 -7.39 -2.30 -5.62
N ARG A 118 -8.43 -2.62 -4.84
CA ARG A 118 -9.52 -1.66 -4.63
C ARG A 118 -9.02 -0.36 -4.02
N ALA A 119 -8.12 -0.46 -3.02
CA ALA A 119 -7.62 0.75 -2.37
C ALA A 119 -6.87 1.62 -3.36
N GLN A 120 -6.15 1.01 -4.30
CA GLN A 120 -5.38 1.77 -5.28
C GLN A 120 -6.26 2.42 -6.34
N LEU A 121 -7.47 1.89 -6.55
CA LEU A 121 -8.34 2.37 -7.62
C LEU A 121 -9.56 3.12 -7.10
N ARG A 122 -9.53 3.53 -5.84
CA ARG A 122 -10.66 4.28 -5.30
C ARG A 122 -10.29 5.75 -5.17
N LYS B 8 6.21 22.06 5.14
CA LYS B 8 6.66 20.73 5.53
C LYS B 8 5.51 19.71 5.50
N GLN B 9 5.85 18.45 5.24
CA GLN B 9 4.85 17.39 5.26
C GLN B 9 4.52 17.02 6.70
N THR B 10 3.23 17.00 7.02
CA THR B 10 2.74 16.81 8.39
C THR B 10 2.18 15.40 8.57
N LEU B 11 2.74 14.66 9.53
CA LEU B 11 2.26 13.31 9.85
C LEU B 11 1.48 13.33 11.17
N LEU B 12 0.32 12.70 11.17
CA LEU B 12 -0.47 12.49 12.37
C LEU B 12 -0.33 11.02 12.78
N LEU B 13 0.21 10.79 13.97
CA LEU B 13 0.36 9.45 14.51
C LEU B 13 -0.73 9.20 15.53
N VAL B 14 -1.46 8.11 15.36
CA VAL B 14 -2.51 7.73 16.31
C VAL B 14 -2.06 6.45 16.99
N GLU B 15 -1.48 6.58 18.18
CA GLU B 15 -0.82 5.46 18.82
C GLU B 15 -0.88 5.65 20.33
N ASP B 16 -1.43 4.66 21.03
CA ASP B 16 -1.48 4.67 22.49
C ASP B 16 -0.36 3.87 23.13
N ASP B 17 0.44 3.16 22.34
CA ASP B 17 1.64 2.51 22.84
C ASP B 17 2.69 3.61 22.96
N LYS B 18 2.87 4.11 24.19
CA LYS B 18 3.71 5.28 24.42
C LYS B 18 5.15 5.05 24.02
N ASN B 19 5.71 3.90 24.40
CA ASN B 19 7.11 3.61 24.07
C ASN B 19 7.34 3.57 22.57
N LEU B 20 6.40 2.96 21.83
CA LEU B 20 6.55 2.87 20.38
C LEU B 20 6.49 4.25 19.75
N ALA B 21 5.45 5.02 20.06
CA ALA B 21 5.33 6.37 19.51
C ALA B 21 6.54 7.23 19.84
N ASP B 22 7.01 7.16 21.09
CA ASP B 22 8.18 7.92 21.50
C ASP B 22 9.35 7.71 20.55
N GLY B 23 9.76 6.45 20.37
CA GLY B 23 10.87 6.18 19.47
C GLY B 23 10.56 6.55 18.03
N LEU B 24 9.36 6.18 17.57
CA LEU B 24 8.98 6.45 16.17
C LEU B 24 8.95 7.93 15.87
N LEU B 25 8.38 8.73 16.77
CA LEU B 25 8.28 10.17 16.53
C LEU B 25 9.65 10.80 16.38
N VAL B 26 10.65 10.29 17.09
CA VAL B 26 12.00 10.84 16.98
C VAL B 26 12.56 10.59 15.59
N SER B 27 12.39 9.38 15.06
CA SER B 27 12.87 9.11 13.71
C SER B 27 12.13 9.96 12.68
N LEU B 28 10.81 10.08 12.82
CA LEU B 28 10.03 10.85 11.85
C LEU B 28 10.42 12.31 11.86
N GLU B 29 10.67 12.87 13.04
CA GLU B 29 11.07 14.27 13.13
C GLU B 29 12.46 14.45 12.54
N GLN B 30 13.35 13.49 12.79
CA GLN B 30 14.70 13.57 12.27
C GLN B 30 14.73 13.51 10.75
N ALA B 31 13.77 12.83 10.14
CA ALA B 31 13.70 12.72 8.69
C ALA B 31 13.15 13.97 8.02
N GLY B 32 12.67 14.94 8.80
CA GLY B 32 12.17 16.19 8.29
C GLY B 32 10.66 16.33 8.29
N TYR B 33 9.93 15.44 8.95
CA TYR B 33 8.48 15.51 9.01
C TYR B 33 8.05 16.27 10.25
N GLU B 34 6.96 17.01 10.13
CA GLU B 34 6.29 17.57 11.30
C GLU B 34 5.28 16.55 11.80
N CYS B 35 5.22 16.37 13.11
CA CYS B 35 4.43 15.30 13.70
C CYS B 35 3.41 15.81 14.70
N LEU B 36 2.22 15.22 14.62
CA LEU B 36 1.15 15.39 15.59
C LEU B 36 0.89 14.02 16.20
N HIS B 37 0.78 13.94 17.52
CA HIS B 37 0.60 12.66 18.19
C HIS B 37 -0.73 12.65 18.94
N VAL B 38 -1.52 11.61 18.68
CA VAL B 38 -2.82 11.41 19.30
C VAL B 38 -2.85 9.99 19.85
N GLU B 39 -3.45 9.81 21.02
CA GLU B 39 -3.44 8.51 21.70
C GLU B 39 -4.84 7.91 21.86
N ARG B 40 -5.87 8.53 21.31
CA ARG B 40 -7.24 8.04 21.47
C ARG B 40 -8.06 8.49 20.28
N ILE B 41 -9.15 7.77 20.02
CA ILE B 41 -10.01 8.14 18.91
C ILE B 41 -10.69 9.49 19.15
N ALA B 42 -11.00 9.80 20.40
CA ALA B 42 -11.69 11.06 20.72
C ALA B 42 -10.86 12.29 20.34
N ASP B 43 -9.54 12.15 20.26
CA ASP B 43 -8.64 13.25 19.97
C ASP B 43 -8.21 13.29 18.52
N VAL B 44 -8.83 12.51 17.64
CA VAL B 44 -8.39 12.38 16.25
C VAL B 44 -8.96 13.49 15.38
N GLU B 45 -10.27 13.69 15.45
CA GLU B 45 -10.96 14.64 14.56
C GLU B 45 -10.34 16.03 14.55
N PRO B 46 -10.05 16.67 15.70
CA PRO B 46 -9.48 18.03 15.63
C PRO B 46 -8.18 18.12 14.84
N GLN B 47 -7.40 17.05 14.78
CA GLN B 47 -6.12 17.07 14.07
C GLN B 47 -6.21 16.62 12.62
N TRP B 48 -7.30 15.95 12.22
CA TRP B 48 -7.36 15.29 10.92
C TRP B 48 -7.02 16.23 9.76
N LYS B 49 -7.62 17.42 9.74
CA LYS B 49 -7.47 18.32 8.61
C LYS B 49 -6.05 18.85 8.47
N LYS B 50 -5.25 18.81 9.54
CA LYS B 50 -3.88 19.31 9.46
C LYS B 50 -2.92 18.30 8.85
N ALA B 51 -3.29 17.04 8.75
CA ALA B 51 -2.34 16.00 8.36
C ALA B 51 -2.23 15.85 6.85
N ASP B 52 -1.02 15.61 6.38
CA ASP B 52 -0.81 15.17 5.01
C ASP B 52 -0.87 13.66 4.89
N LEU B 53 -0.75 12.95 6.01
CA LEU B 53 -0.83 11.51 6.05
C LEU B 53 -1.05 11.10 7.51
N VAL B 54 -1.87 10.08 7.72
CA VAL B 54 -2.21 9.59 9.05
C VAL B 54 -1.65 8.18 9.19
N ILE B 55 -0.85 7.98 10.24
CA ILE B 55 -0.39 6.66 10.64
C ILE B 55 -1.29 6.22 11.79
N LEU B 56 -2.13 5.23 11.55
CA LEU B 56 -3.29 4.98 12.40
C LEU B 56 -3.26 3.57 12.97
N GLU B 57 -3.11 3.47 14.28
CA GLU B 57 -3.28 2.19 14.97
C GLU B 57 -4.77 1.92 15.12
N ARG B 58 -5.13 0.63 15.17
CA ARG B 58 -6.53 0.24 15.30
C ARG B 58 -6.94 0.09 16.75
N GLN B 59 -6.12 -0.60 17.54
CA GLN B 59 -6.40 -0.96 18.93
C GLN B 59 -6.10 0.23 19.83
N LEU B 60 -7.13 1.03 20.11
CA LEU B 60 -7.00 2.22 20.93
C LEU B 60 -7.82 2.08 22.21
N PRO B 61 -7.52 2.87 23.25
CA PRO B 61 -8.29 2.70 24.50
C PRO B 61 -9.77 2.94 24.34
N ASP B 62 -10.19 3.76 23.38
CA ASP B 62 -11.61 4.03 23.20
C ASP B 62 -12.20 3.38 21.95
N GLY B 63 -11.64 2.24 21.52
CA GLY B 63 -12.28 1.46 20.49
C GLY B 63 -11.39 1.17 19.31
N ASP B 64 -12.03 0.83 18.20
CA ASP B 64 -11.38 0.42 16.96
C ASP B 64 -11.56 1.51 15.91
N SER B 65 -10.46 2.10 15.46
CA SER B 65 -10.55 3.25 14.56
C SER B 65 -11.07 2.88 13.19
N VAL B 66 -11.06 1.59 12.83
CA VAL B 66 -11.64 1.17 11.56
C VAL B 66 -13.10 1.56 11.50
N GLN B 67 -13.80 1.54 12.64
CA GLN B 67 -15.20 1.94 12.64
C GLN B 67 -15.35 3.42 12.36
N HIS B 68 -14.34 4.23 12.66
CA HIS B 68 -14.39 5.67 12.46
C HIS B 68 -13.70 6.14 11.20
N LEU B 69 -12.92 5.28 10.55
CA LEU B 69 -12.14 5.72 9.40
C LEU B 69 -13.01 6.22 8.23
N PRO B 70 -14.15 5.59 7.89
CA PRO B 70 -14.96 6.15 6.80
C PRO B 70 -15.48 7.54 7.08
N GLU B 71 -15.93 7.78 8.32
CA GLU B 71 -16.29 9.11 8.78
C GLU B 71 -15.18 10.12 8.46
N TRP B 72 -13.96 9.82 8.94
CA TRP B 72 -12.86 10.76 8.83
C TRP B 72 -12.50 11.02 7.36
N LYS B 73 -12.56 9.99 6.53
CA LYS B 73 -12.31 10.16 5.10
C LYS B 73 -13.27 11.15 4.46
N LYS B 74 -14.51 11.22 4.95
CA LYS B 74 -15.46 12.21 4.47
C LYS B 74 -15.05 13.63 4.87
N ILE B 75 -14.37 13.79 6.01
CA ILE B 75 -13.87 15.10 6.39
C ILE B 75 -12.79 15.55 5.42
N LYS B 76 -11.79 14.69 5.19
CA LYS B 76 -10.73 14.99 4.25
C LYS B 76 -10.13 13.67 3.79
N ASP B 77 -9.84 13.57 2.48
CA ASP B 77 -9.30 12.34 1.91
C ASP B 77 -7.79 12.40 1.99
N VAL B 78 -7.29 12.11 3.20
CA VAL B 78 -5.86 12.11 3.48
C VAL B 78 -5.36 10.68 3.34
N PRO B 79 -4.10 10.47 2.91
CA PRO B 79 -3.53 9.12 2.95
C PRO B 79 -3.51 8.55 4.36
N VAL B 80 -3.92 7.29 4.49
CA VAL B 80 -3.99 6.64 5.79
C VAL B 80 -3.26 5.30 5.72
N ILE B 81 -2.28 5.11 6.61
CA ILE B 81 -1.58 3.85 6.78
C ILE B 81 -2.01 3.26 8.11
N LEU B 82 -2.72 2.15 8.08
CA LEU B 82 -3.03 1.45 9.31
C LEU B 82 -1.77 0.73 9.81
N LEU B 83 -1.53 0.83 11.11
CA LEU B 83 -0.36 0.26 11.77
C LEU B 83 -0.85 -0.49 12.99
N THR B 84 -0.92 -1.82 12.91
CA THR B 84 -1.57 -2.54 13.99
C THR B 84 -1.06 -3.97 14.10
N ALA B 85 -1.39 -4.59 15.23
CA ALA B 85 -1.09 -6.00 15.50
C ALA B 85 -2.25 -6.91 15.14
N LEU B 86 -3.34 -6.35 14.62
CA LEU B 86 -4.39 -7.12 13.95
C LEU B 86 -3.86 -7.45 12.58
N VAL B 87 -3.29 -8.65 12.43
CA VAL B 87 -2.43 -8.96 11.31
C VAL B 87 -3.04 -9.92 10.31
N THR B 88 -4.28 -10.38 10.53
CA THR B 88 -4.85 -11.39 9.64
C THR B 88 -5.34 -10.77 8.33
N VAL B 89 -5.56 -11.64 7.34
CA VAL B 89 -6.11 -11.19 6.06
C VAL B 89 -7.49 -10.57 6.26
N LYS B 90 -8.30 -11.16 7.16
CA LYS B 90 -9.60 -10.58 7.48
C LYS B 90 -9.45 -9.17 8.04
N ASP B 91 -8.49 -8.98 8.94
CA ASP B 91 -8.24 -7.62 9.47
C ASP B 91 -7.76 -6.69 8.37
N LYS B 92 -6.81 -7.15 7.56
CA LYS B 92 -6.28 -6.29 6.51
C LYS B 92 -7.36 -5.90 5.51
N VAL B 93 -8.16 -6.89 5.08
CA VAL B 93 -9.26 -6.62 4.15
C VAL B 93 -10.25 -5.64 4.75
N ALA B 94 -10.63 -5.86 6.01
CA ALA B 94 -11.54 -4.93 6.68
C ALA B 94 -10.92 -3.54 6.77
N GLY B 95 -9.65 -3.47 7.13
CA GLY B 95 -9.01 -2.17 7.27
C GLY B 95 -8.96 -1.41 5.95
N LEU B 96 -8.54 -2.10 4.89
CA LEU B 96 -8.39 -1.44 3.60
C LEU B 96 -9.73 -1.06 2.99
N ASP B 97 -10.73 -1.95 3.08
CA ASP B 97 -12.03 -1.64 2.49
C ASP B 97 -12.77 -0.55 3.25
N SER B 98 -12.36 -0.27 4.48
CA SER B 98 -12.97 0.83 5.22
C SER B 98 -12.35 2.17 4.85
N GLY B 99 -11.39 2.20 3.94
CA GLY B 99 -10.82 3.44 3.44
C GLY B 99 -9.31 3.58 3.59
N ALA B 100 -8.64 2.68 4.29
CA ALA B 100 -7.20 2.84 4.47
C ALA B 100 -6.48 2.63 3.14
N ASN B 101 -5.42 3.42 2.93
CA ASN B 101 -4.63 3.31 1.72
C ASN B 101 -3.56 2.25 1.83
N ASP B 102 -3.13 1.94 3.05
CA ASP B 102 -2.13 0.90 3.27
C ASP B 102 -2.32 0.35 4.67
N TYR B 103 -1.75 -0.82 4.91
CA TYR B 103 -1.95 -1.59 6.14
C TYR B 103 -0.63 -2.28 6.45
N LEU B 104 0.10 -1.77 7.44
CA LEU B 104 1.37 -2.36 7.85
C LEU B 104 1.21 -3.06 9.18
N THR B 105 1.67 -4.30 9.25
CA THR B 105 1.50 -5.11 10.46
C THR B 105 2.66 -4.87 11.42
N LYS B 106 2.35 -4.95 12.73
CA LYS B 106 3.26 -4.96 13.87
C LYS B 106 3.62 -6.40 14.22
N PRO B 107 4.90 -6.70 14.49
CA PRO B 107 6.00 -5.75 14.51
C PRO B 107 6.45 -5.37 13.10
N PHE B 108 6.99 -4.16 12.96
CA PHE B 108 7.38 -3.64 11.66
C PHE B 108 8.80 -3.09 11.73
N ALA B 109 9.36 -2.84 10.56
CA ALA B 109 10.65 -2.17 10.43
C ALA B 109 10.41 -0.71 10.08
N GLU B 110 11.06 0.19 10.82
CA GLU B 110 10.92 1.61 10.53
C GLU B 110 11.26 1.92 9.08
N ALA B 111 12.27 1.22 8.53
CA ALA B 111 12.65 1.41 7.13
C ALA B 111 11.51 1.12 6.17
N GLU B 112 10.73 0.07 6.44
CA GLU B 112 9.57 -0.21 5.59
C GLU B 112 8.50 0.86 5.73
N LEU B 113 8.21 1.29 6.97
CA LEU B 113 7.20 2.32 7.20
C LEU B 113 7.59 3.62 6.51
N PHE B 114 8.88 3.99 6.57
CA PHE B 114 9.35 5.20 5.90
C PHE B 114 9.10 5.11 4.40
N ALA B 115 9.44 3.98 3.79
CA ALA B 115 9.23 3.83 2.35
C ALA B 115 7.75 3.91 2.00
N ARG B 116 6.89 3.27 2.80
CA ARG B 116 5.47 3.32 2.51
C ARG B 116 4.88 4.71 2.75
N ILE B 117 5.43 5.47 3.70
CA ILE B 117 5.02 6.87 3.87
C ILE B 117 5.37 7.66 2.62
N ARG B 118 6.58 7.45 2.10
CA ARG B 118 7.00 8.13 0.87
C ARG B 118 6.09 7.80 -0.31
N ALA B 119 5.71 6.52 -0.45
CA ALA B 119 4.88 6.13 -1.59
C ALA B 119 3.53 6.84 -1.57
N GLN B 120 2.94 7.02 -0.40
CA GLN B 120 1.63 7.66 -0.31
C GLN B 120 1.67 9.16 -0.52
N LEU B 121 2.84 9.80 -0.35
CA LEU B 121 2.92 11.25 -0.40
C LEU B 121 3.63 11.76 -1.65
N ARG B 122 3.82 10.92 -2.65
CA ARG B 122 4.46 11.39 -3.88
C ARG B 122 3.45 11.48 -5.01
#